data_7KS4
#
_entry.id   7KS4
#
_cell.length_a   129.515
_cell.length_b   129.515
_cell.length_c   129.515
_cell.angle_alpha   90.000
_cell.angle_beta   90.000
_cell.angle_gamma   90.000
#
_symmetry.space_group_name_H-M   'I 2 3'
#
loop_
_entity.id
_entity.type
_entity.pdbx_description
1 polymer 'Phage terminase large subunit'
2 non-polymer 'SULFATE ION'
3 non-polymer "ADENOSINE-5'-DIPHOSPHATE"
4 non-polymer 'MAGNESIUM ION'
5 water water
#
_entity_poly.entity_id   1
_entity_poly.type   'polypeptide(L)'
_entity_poly.pdbx_seq_one_letter_code
;GPGGSMKRLRPSDKFFELLGYKPHHVQLAIHRSTAKRRVACLGRQSGKSEAASVEAVFELFARPGSQGWIIAPTYDQAEI
IFGRVVEKVERLAEVFPATEVQLQRRRLRLLVHHYDRPVNAPGAKRVATSEFRGKSADRPDNLRGATLDFVILDEAAMIP
FSVWSEAIEPTLSVRDGWALIISTPKGLNWFYEFFLMGWRGGLKEGIPNSGINQTHPDFESFHAASWDVWPERREWYMER
RLYIPDLEFRQEYGAEFVSHSGLEHHHHHHHHHH
;
_entity_poly.pdbx_strand_id   B
#
# COMPACT_ATOMS: atom_id res chain seq x y z
N LEU A 9 8.79 -14.09 -2.29
CA LEU A 9 7.43 -13.62 -2.06
C LEU A 9 7.44 -12.46 -1.06
N ARG A 10 8.47 -12.41 -0.21
CA ARG A 10 8.65 -11.27 0.67
C ARG A 10 9.98 -10.58 0.37
N PRO A 11 10.01 -9.26 0.22
CA PRO A 11 11.30 -8.57 0.08
C PRO A 11 12.16 -8.79 1.31
N SER A 12 13.46 -8.99 1.05
CA SER A 12 14.46 -9.33 2.06
C SER A 12 15.25 -8.10 2.51
N ASP A 13 16.00 -8.27 3.59
CA ASP A 13 16.94 -7.23 4.00
C ASP A 13 17.90 -6.88 2.86
N LYS A 14 18.35 -7.89 2.10
CA LYS A 14 19.21 -7.63 0.96
C LYS A 14 18.48 -6.76 -0.07
N PHE A 15 17.21 -7.04 -0.31
CA PHE A 15 16.47 -6.22 -1.26
C PHE A 15 16.27 -4.80 -0.72
N PHE A 16 15.93 -4.67 0.57
CA PHE A 16 15.84 -3.34 1.18
C PHE A 16 17.13 -2.57 0.99
N GLU A 17 18.26 -3.22 1.25
CA GLU A 17 19.55 -2.56 1.11
C GLU A 17 19.78 -2.08 -0.31
N LEU A 18 19.38 -2.87 -1.32
CA LEU A 18 19.43 -2.39 -2.69
C LEU A 18 18.59 -1.13 -2.87
N LEU A 19 17.43 -1.07 -2.22
CA LEU A 19 16.57 0.09 -2.39
C LEU A 19 17.05 1.33 -1.64
N GLY A 20 18.06 1.22 -0.78
CA GLY A 20 18.37 2.32 0.11
C GLY A 20 17.27 2.53 1.13
N TYR A 21 16.58 1.46 1.52
CA TYR A 21 15.40 1.52 2.35
C TYR A 21 15.68 0.88 3.69
N LYS A 22 15.37 1.59 4.77
CA LYS A 22 15.59 1.11 6.13
C LYS A 22 14.27 1.21 6.90
N PRO A 23 13.43 0.18 6.83
CA PRO A 23 12.07 0.30 7.37
C PRO A 23 12.04 0.45 8.88
N HIS A 24 10.98 1.09 9.36
CA HIS A 24 10.65 1.19 10.77
C HIS A 24 9.89 -0.06 11.23
N HIS A 25 9.63 -0.14 12.54
CA HIS A 25 9.04 -1.37 13.08
C HIS A 25 7.69 -1.67 12.44
N VAL A 26 6.88 -0.65 12.18
CA VAL A 26 5.56 -0.89 11.63
C VAL A 26 5.66 -1.27 10.16
N GLN A 27 6.51 -0.57 9.41
CA GLN A 27 6.76 -0.95 8.02
C GLN A 27 7.29 -2.37 7.94
N LEU A 28 8.26 -2.71 8.79
CA LEU A 28 8.81 -4.06 8.79
C LEU A 28 7.71 -5.09 9.07
N ALA A 29 6.82 -4.80 10.02
CA ALA A 29 5.74 -5.75 10.29
C ALA A 29 4.87 -5.98 9.06
N ILE A 30 4.57 -4.90 8.32
CA ILE A 30 3.80 -5.03 7.08
C ILE A 30 4.54 -5.92 6.10
N HIS A 31 5.84 -5.68 5.93
CA HIS A 31 6.62 -6.42 4.94
C HIS A 31 6.76 -7.89 5.33
N ARG A 32 6.87 -8.18 6.63
CA ARG A 32 7.01 -9.57 7.06
C ARG A 32 5.70 -10.35 6.95
N SER A 33 4.57 -9.65 6.89
CA SER A 33 3.29 -10.33 6.82
C SER A 33 3.10 -10.99 5.46
N THR A 34 2.67 -12.25 5.47
CA THR A 34 2.33 -12.98 4.26
C THR A 34 0.83 -12.99 3.97
N ALA A 35 0.04 -12.22 4.73
CA ALA A 35 -1.40 -12.22 4.54
C ALA A 35 -1.78 -11.65 3.19
N LYS A 36 -2.76 -12.27 2.54
CA LYS A 36 -3.23 -11.78 1.25
C LYS A 36 -4.03 -10.49 1.38
N ARG A 37 -4.53 -10.18 2.57
CA ARG A 37 -5.23 -8.93 2.86
C ARG A 37 -4.54 -8.30 4.06
N ARG A 38 -3.69 -7.31 3.79
CA ARG A 38 -3.03 -6.54 4.83
C ARG A 38 -3.71 -5.19 4.93
N VAL A 39 -4.16 -4.84 6.14
CA VAL A 39 -4.92 -3.63 6.39
C VAL A 39 -4.14 -2.83 7.42
N ALA A 40 -3.67 -1.64 7.04
CA ALA A 40 -2.88 -0.80 7.94
C ALA A 40 -3.65 0.47 8.23
N CYS A 41 -4.06 0.63 9.49
CA CYS A 41 -4.70 1.85 9.96
C CYS A 41 -3.65 2.62 10.76
N LEU A 42 -3.03 3.60 10.11
CA LEU A 42 -1.90 4.32 10.67
C LEU A 42 -2.11 5.82 10.50
N GLY A 43 -1.63 6.58 11.48
CA GLY A 43 -1.72 8.02 11.40
C GLY A 43 -0.78 8.59 10.36
N ARG A 44 -0.93 9.88 10.10
CA ARG A 44 -0.02 10.57 9.19
C ARG A 44 1.42 10.41 9.66
N GLN A 45 2.34 10.39 8.71
CA GLN A 45 3.77 10.29 8.95
C GLN A 45 4.19 8.90 9.40
N SER A 46 3.34 7.90 9.18
N SER A 46 3.35 7.90 9.19
CA SER A 46 3.61 6.54 9.60
CA SER A 46 3.67 6.55 9.66
C SER A 46 4.62 5.84 8.72
C SER A 46 4.49 5.74 8.66
N GLY A 47 4.74 6.26 7.47
CA GLY A 47 5.50 5.54 6.46
C GLY A 47 4.67 4.69 5.53
N LYS A 48 3.36 4.88 5.47
N LYS A 48 3.36 4.91 5.49
CA LYS A 48 2.52 4.03 4.63
CA LYS A 48 2.45 4.13 4.65
C LYS A 48 2.93 4.13 3.16
C LYS A 48 2.89 4.15 3.19
N SER A 49 3.16 5.34 2.66
CA SER A 49 3.48 5.49 1.23
C SER A 49 4.76 4.78 0.88
N GLU A 50 5.79 4.95 1.70
CA GLU A 50 7.09 4.35 1.40
C GLU A 50 7.01 2.84 1.39
N ALA A 51 6.37 2.27 2.43
CA ALA A 51 6.26 0.82 2.52
C ALA A 51 5.49 0.24 1.35
N ALA A 52 4.40 0.89 0.96
CA ALA A 52 3.65 0.41 -0.19
C ALA A 52 4.48 0.47 -1.46
N SER A 53 5.26 1.54 -1.64
CA SER A 53 6.07 1.65 -2.85
C SER A 53 7.11 0.55 -2.90
N VAL A 54 7.71 0.20 -1.76
CA VAL A 54 8.70 -0.87 -1.72
C VAL A 54 8.05 -2.19 -2.13
N GLU A 55 6.83 -2.45 -1.65
CA GLU A 55 6.14 -3.68 -2.02
C GLU A 55 5.95 -3.77 -3.53
N ALA A 56 5.53 -2.67 -4.16
CA ALA A 56 5.32 -2.66 -5.60
C ALA A 56 6.63 -2.88 -6.35
N VAL A 57 7.70 -2.21 -5.94
CA VAL A 57 8.99 -2.39 -6.61
C VAL A 57 9.40 -3.85 -6.58
N PHE A 58 9.29 -4.48 -5.42
CA PHE A 58 9.68 -5.88 -5.30
C PHE A 58 8.90 -6.77 -6.26
N GLU A 59 7.58 -6.61 -6.31
CA GLU A 59 6.77 -7.42 -7.21
C GLU A 59 7.22 -7.28 -8.65
N LEU A 60 7.49 -6.06 -9.10
CA LEU A 60 7.76 -5.83 -10.52
C LEU A 60 9.05 -6.52 -10.95
N PHE A 61 10.04 -6.62 -10.06
CA PHE A 61 11.32 -7.25 -10.37
C PHE A 61 11.37 -8.73 -9.99
N ALA A 62 10.79 -9.08 -8.83
CA ALA A 62 10.87 -10.44 -8.33
C ALA A 62 9.84 -11.35 -8.96
N ARG A 63 8.79 -10.79 -9.57
CA ARG A 63 7.72 -11.56 -10.19
C ARG A 63 7.54 -11.02 -11.61
N PRO A 64 8.42 -11.39 -12.53
CA PRO A 64 8.30 -10.88 -13.91
C PRO A 64 6.93 -11.18 -14.49
N GLY A 65 6.34 -10.17 -15.13
CA GLY A 65 4.99 -10.29 -15.64
C GLY A 65 3.91 -9.95 -14.64
N SER A 66 4.28 -9.63 -13.41
CA SER A 66 3.29 -9.27 -12.41
C SER A 66 2.61 -7.96 -12.80
N GLN A 67 1.33 -7.86 -12.45
CA GLN A 67 0.54 -6.67 -12.75
C GLN A 67 -0.10 -6.18 -11.45
N GLY A 68 -0.01 -4.88 -11.21
CA GLY A 68 -0.56 -4.30 -10.00
C GLY A 68 -1.01 -2.88 -10.23
N TRP A 69 -1.87 -2.41 -9.34
CA TRP A 69 -2.37 -1.05 -9.33
C TRP A 69 -2.14 -0.45 -7.96
N ILE A 70 -1.95 0.86 -7.92
CA ILE A 70 -2.20 1.65 -6.72
C ILE A 70 -3.41 2.53 -7.00
N ILE A 71 -4.40 2.45 -6.12
CA ILE A 71 -5.64 3.20 -6.26
C ILE A 71 -5.76 4.14 -5.07
N ALA A 72 -6.03 5.40 -5.35
CA ALA A 72 -6.28 6.42 -4.33
C ALA A 72 -7.60 7.09 -4.63
N PRO A 73 -8.08 7.94 -3.71
CA PRO A 73 -9.32 8.67 -4.00
C PRO A 73 -9.23 9.60 -5.20
N THR A 74 -8.05 10.18 -5.45
CA THR A 74 -7.82 11.10 -6.55
C THR A 74 -6.53 10.72 -7.28
N TYR A 75 -6.38 11.24 -8.49
CA TYR A 75 -5.15 10.99 -9.24
C TYR A 75 -3.96 11.67 -8.57
N ASP A 76 -4.14 12.88 -8.04
CA ASP A 76 -3.06 13.57 -7.35
C ASP A 76 -2.58 12.76 -6.15
N GLN A 77 -3.50 12.08 -5.46
CA GLN A 77 -3.10 11.23 -4.35
C GLN A 77 -2.41 9.96 -4.85
N ALA A 78 -2.93 9.36 -5.93
CA ALA A 78 -2.31 8.16 -6.47
C ALA A 78 -0.91 8.44 -7.00
N GLU A 79 -0.67 9.66 -7.48
CA GLU A 79 0.64 10.02 -8.00
C GLU A 79 1.73 9.92 -6.94
N ILE A 80 1.37 9.99 -5.66
CA ILE A 80 2.39 9.97 -4.61
C ILE A 80 3.10 8.63 -4.61
N ILE A 81 2.35 7.55 -4.37
CA ILE A 81 2.99 6.24 -4.37
C ILE A 81 3.52 5.90 -5.76
N PHE A 82 2.73 6.19 -6.80
CA PHE A 82 3.18 5.89 -8.16
C PHE A 82 4.53 6.54 -8.45
N GLY A 83 4.67 7.83 -8.10
CA GLY A 83 5.92 8.52 -8.37
C GLY A 83 7.09 7.94 -7.62
N ARG A 84 6.85 7.47 -6.39
CA ARG A 84 7.93 6.87 -5.62
C ARG A 84 8.31 5.51 -6.20
N VAL A 85 7.33 4.75 -6.68
CA VAL A 85 7.66 3.48 -7.35
C VAL A 85 8.52 3.75 -8.59
N VAL A 86 8.15 4.78 -9.35
CA VAL A 86 8.92 5.13 -10.55
C VAL A 86 10.39 5.37 -10.20
N GLU A 87 10.65 6.29 -9.28
CA GLU A 87 12.05 6.59 -8.92
C GLU A 87 12.80 5.33 -8.55
N LYS A 88 12.19 4.51 -7.69
CA LYS A 88 12.87 3.31 -7.20
C LYS A 88 13.09 2.30 -8.32
N VAL A 89 12.09 2.11 -9.18
CA VAL A 89 12.19 1.14 -10.27
C VAL A 89 13.23 1.60 -11.28
N GLU A 90 13.23 2.88 -11.63
CA GLU A 90 14.20 3.34 -12.62
C GLU A 90 15.62 3.28 -12.09
N ARG A 91 15.80 3.48 -10.78
CA ARG A 91 17.13 3.34 -10.19
C ARG A 91 17.53 1.88 -10.06
N LEU A 92 16.64 1.05 -9.51
CA LEU A 92 16.99 -0.35 -9.26
C LEU A 92 17.28 -1.09 -10.54
N ALA A 93 16.64 -0.73 -11.65
CA ALA A 93 16.87 -1.42 -12.90
C ALA A 93 18.33 -1.42 -13.30
N GLU A 94 19.12 -0.45 -12.81
CA GLU A 94 20.55 -0.42 -13.12
C GLU A 94 21.21 -1.75 -12.77
N VAL A 95 20.84 -2.34 -11.63
CA VAL A 95 21.51 -3.55 -11.14
C VAL A 95 20.81 -4.84 -11.58
N PHE A 96 19.84 -4.76 -12.48
CA PHE A 96 19.25 -5.93 -13.12
C PHE A 96 19.44 -5.74 -14.63
N PRO A 97 20.60 -6.12 -15.18
CA PRO A 97 20.89 -5.79 -16.59
C PRO A 97 19.88 -6.33 -17.59
N ALA A 98 19.11 -7.36 -17.23
CA ALA A 98 18.11 -7.94 -18.12
C ALA A 98 16.76 -7.23 -18.01
N THR A 99 16.71 -6.02 -17.48
CA THR A 99 15.47 -5.26 -17.44
C THR A 99 15.62 -3.93 -18.13
N GLU A 100 14.49 -3.39 -18.57
CA GLU A 100 14.43 -2.06 -19.18
C GLU A 100 13.10 -1.46 -18.80
N VAL A 101 13.12 -0.22 -18.29
CA VAL A 101 11.95 0.43 -17.75
C VAL A 101 11.35 1.34 -18.82
N GLN A 102 10.03 1.32 -18.94
CA GLN A 102 9.30 2.20 -19.85
C GLN A 102 8.21 2.90 -19.04
N LEU A 103 8.13 4.22 -19.19
CA LEU A 103 7.27 5.06 -18.37
C LEU A 103 6.35 5.88 -19.24
N GLN A 104 5.09 5.98 -18.82
CA GLN A 104 4.11 6.89 -19.43
C GLN A 104 3.56 7.71 -18.27
N ARG A 105 4.23 8.81 -17.95
CA ARG A 105 3.87 9.58 -16.77
C ARG A 105 2.43 10.10 -16.85
N ARG A 106 2.02 10.55 -18.04
CA ARG A 106 0.69 11.10 -18.19
C ARG A 106 -0.38 10.05 -17.87
N ARG A 107 -0.18 8.82 -18.33
CA ARG A 107 -1.15 7.75 -18.12
C ARG A 107 -0.87 6.94 -16.85
N LEU A 108 0.03 7.40 -16.00
CA LEU A 108 0.42 6.69 -14.78
C LEU A 108 0.58 5.19 -15.06
N ARG A 109 1.45 4.90 -16.03
CA ARG A 109 1.70 3.53 -16.45
C ARG A 109 3.21 3.29 -16.43
N LEU A 110 3.63 2.29 -15.67
CA LEU A 110 5.03 1.92 -15.54
C LEU A 110 5.20 0.48 -15.97
N LEU A 111 6.16 0.24 -16.86
CA LEU A 111 6.43 -1.09 -17.40
C LEU A 111 7.87 -1.47 -17.10
N VAL A 112 8.07 -2.70 -16.63
CA VAL A 112 9.40 -3.26 -16.45
C VAL A 112 9.51 -4.45 -17.40
N HIS A 113 10.22 -4.26 -18.51
CA HIS A 113 10.40 -5.33 -19.47
C HIS A 113 11.55 -6.24 -19.03
N HIS A 114 11.31 -7.54 -19.05
CA HIS A 114 12.30 -8.55 -18.67
C HIS A 114 12.75 -9.29 -19.92
N TYR A 115 14.07 -9.44 -20.08
CA TYR A 115 14.65 -10.03 -21.27
C TYR A 115 15.33 -11.35 -20.94
N ASP A 116 15.72 -12.06 -22.00
CA ASP A 116 16.36 -13.37 -21.90
C ASP A 116 17.87 -13.27 -21.77
N ARG A 117 18.40 -12.06 -21.65
CA ARG A 117 19.82 -11.79 -21.57
C ARG A 117 19.95 -10.31 -21.24
N PRO A 118 21.15 -9.80 -20.95
CA PRO A 118 21.28 -8.38 -20.65
C PRO A 118 20.80 -7.52 -21.82
N VAL A 119 20.14 -6.41 -21.49
CA VAL A 119 19.50 -5.59 -22.51
C VAL A 119 20.50 -5.04 -23.51
N ASN A 120 21.75 -4.84 -23.09
CA ASN A 120 22.77 -4.29 -23.98
C ASN A 120 23.42 -5.35 -24.87
N ALA A 121 22.92 -6.58 -24.85
CA ALA A 121 23.57 -7.64 -25.63
C ALA A 121 22.84 -7.89 -26.93
N PRO A 122 23.55 -8.28 -27.99
CA PRO A 122 22.88 -8.55 -29.27
C PRO A 122 21.88 -9.69 -29.14
N GLY A 123 20.72 -9.52 -29.77
CA GLY A 123 19.71 -10.54 -29.82
C GLY A 123 18.76 -10.57 -28.64
N ALA A 124 18.82 -9.59 -27.76
CA ALA A 124 18.01 -9.62 -26.55
C ALA A 124 16.53 -9.76 -26.90
N LYS A 125 15.88 -10.76 -26.31
CA LYS A 125 14.48 -11.05 -26.54
C LYS A 125 13.71 -10.75 -25.27
N ARG A 126 12.58 -10.07 -25.41
CA ARG A 126 11.72 -9.74 -24.28
C ARG A 126 10.91 -10.97 -23.89
N VAL A 127 10.95 -11.34 -22.62
CA VAL A 127 10.32 -12.55 -22.15
C VAL A 127 9.06 -12.25 -21.34
N ALA A 128 9.04 -11.16 -20.60
CA ALA A 128 7.91 -10.84 -19.75
C ALA A 128 7.93 -9.34 -19.48
N THR A 129 6.77 -8.80 -19.16
CA THR A 129 6.62 -7.38 -18.84
C THR A 129 5.76 -7.27 -17.58
N SER A 130 6.36 -6.75 -16.52
CA SER A 130 5.62 -6.35 -15.32
C SER A 130 5.03 -4.96 -15.54
N GLU A 131 3.85 -4.73 -14.95
CA GLU A 131 3.11 -3.50 -15.18
C GLU A 131 2.54 -2.97 -13.87
N PHE A 132 2.68 -1.66 -13.65
CA PHE A 132 2.15 -1.00 -12.47
C PHE A 132 1.48 0.29 -12.90
N ARG A 133 0.23 0.47 -12.47
CA ARG A 133 -0.55 1.64 -12.87
C ARG A 133 -1.10 2.36 -11.64
N GLY A 134 -1.23 3.67 -11.78
CA GLY A 134 -1.97 4.47 -10.80
C GLY A 134 -3.40 4.64 -11.27
N LYS A 135 -4.32 4.56 -10.30
CA LYS A 135 -5.75 4.67 -10.58
C LYS A 135 -6.40 5.56 -9.53
N SER A 136 -7.54 6.14 -9.91
CA SER A 136 -8.27 7.09 -9.10
C SER A 136 -9.70 6.60 -8.86
N ALA A 137 -10.14 6.67 -7.61
CA ALA A 137 -11.51 6.29 -7.28
C ALA A 137 -12.53 7.25 -7.86
N ASP A 138 -12.19 8.55 -7.97
CA ASP A 138 -13.09 9.54 -8.55
C ASP A 138 -13.12 9.49 -10.07
N ARG A 139 -12.59 8.43 -10.68
CA ARG A 139 -12.72 8.19 -12.11
C ARG A 139 -13.05 6.72 -12.31
N PRO A 140 -14.24 6.30 -11.87
CA PRO A 140 -14.62 4.89 -12.05
C PRO A 140 -14.55 4.42 -13.49
N ASP A 141 -14.67 5.33 -14.45
CA ASP A 141 -14.67 4.94 -15.86
C ASP A 141 -13.37 4.24 -16.24
N ASN A 142 -12.24 4.75 -15.75
CA ASN A 142 -10.94 4.16 -16.06
C ASN A 142 -10.64 2.91 -15.23
N LEU A 143 -11.62 2.40 -14.48
CA LEU A 143 -11.47 1.14 -13.77
C LEU A 143 -12.10 0.06 -14.64
N ARG A 144 -11.32 -0.46 -15.59
CA ARG A 144 -11.71 -1.57 -16.44
C ARG A 144 -10.54 -2.52 -16.53
N GLY A 145 -10.83 -3.81 -16.68
CA GLY A 145 -9.82 -4.82 -16.45
C GLY A 145 -9.70 -4.98 -14.95
N ALA A 146 -8.65 -5.63 -14.43
CA ALA A 146 -7.64 -6.35 -15.21
C ALA A 146 -7.06 -7.39 -14.25
N THR A 147 -6.43 -8.43 -14.78
CA THR A 147 -5.94 -9.53 -13.94
C THR A 147 -4.76 -9.04 -13.11
N LEU A 148 -5.02 -8.70 -11.86
CA LEU A 148 -4.03 -8.13 -10.95
C LEU A 148 -3.42 -9.20 -10.05
N ASP A 149 -2.11 -9.15 -9.92
CA ASP A 149 -1.43 -9.93 -8.90
C ASP A 149 -1.34 -9.21 -7.57
N PHE A 150 -1.44 -7.88 -7.57
CA PHE A 150 -1.40 -7.14 -6.32
C PHE A 150 -2.07 -5.79 -6.52
N VAL A 151 -2.54 -5.22 -5.42
CA VAL A 151 -3.16 -3.91 -5.47
C VAL A 151 -2.87 -3.20 -4.16
N ILE A 152 -2.65 -1.89 -4.25
CA ILE A 152 -2.50 -1.01 -3.09
C ILE A 152 -3.65 -0.02 -3.11
N LEU A 153 -4.38 0.06 -2.00
CA LEU A 153 -5.41 1.07 -1.82
C LEU A 153 -4.86 2.09 -0.84
N ASP A 154 -4.64 3.31 -1.30
CA ASP A 154 -4.13 4.40 -0.49
C ASP A 154 -5.30 5.27 -0.04
N GLU A 155 -5.25 5.73 1.21
CA GLU A 155 -6.39 6.40 1.85
C GLU A 155 -7.69 5.64 1.54
N ALA A 156 -7.64 4.34 1.82
CA ALA A 156 -8.74 3.45 1.49
C ALA A 156 -10.04 3.83 2.18
N ALA A 157 -9.98 4.37 3.39
CA ALA A 157 -11.21 4.70 4.10
C ALA A 157 -12.00 5.79 3.39
N MET A 158 -11.36 6.52 2.48
CA MET A 158 -12.03 7.52 1.66
C MET A 158 -12.45 6.99 0.31
N ILE A 159 -12.18 5.73 0.01
CA ILE A 159 -12.58 5.11 -1.25
C ILE A 159 -13.91 4.39 -1.03
N PRO A 160 -14.92 4.60 -1.88
CA PRO A 160 -16.19 3.90 -1.69
C PRO A 160 -16.00 2.38 -1.73
N PHE A 161 -16.70 1.68 -0.82
CA PHE A 161 -16.58 0.23 -0.77
C PHE A 161 -16.84 -0.40 -2.14
N SER A 162 -17.72 0.21 -2.94
CA SER A 162 -18.08 -0.36 -4.23
C SER A 162 -16.87 -0.49 -5.14
N VAL A 163 -15.94 0.45 -5.08
CA VAL A 163 -14.71 0.33 -5.85
C VAL A 163 -14.01 -0.97 -5.50
N TRP A 164 -13.92 -1.28 -4.20
CA TRP A 164 -13.32 -2.55 -3.80
C TRP A 164 -14.16 -3.73 -4.24
N SER A 165 -15.44 -3.77 -3.82
CA SER A 165 -16.24 -4.98 -3.99
C SER A 165 -16.43 -5.33 -5.46
N GLU A 166 -16.61 -4.32 -6.31
CA GLU A 166 -16.98 -4.54 -7.70
C GLU A 166 -15.81 -4.44 -8.66
N ALA A 167 -14.86 -3.53 -8.43
CA ALA A 167 -13.85 -3.23 -9.43
C ALA A 167 -12.46 -3.76 -9.09
N ILE A 168 -12.20 -4.16 -7.85
CA ILE A 168 -10.85 -4.59 -7.47
C ILE A 168 -10.86 -6.04 -7.01
N GLU A 169 -11.66 -6.37 -6.00
CA GLU A 169 -11.62 -7.70 -5.43
C GLU A 169 -11.85 -8.82 -6.45
N PRO A 170 -12.79 -8.71 -7.39
CA PRO A 170 -13.01 -9.83 -8.31
C PRO A 170 -11.77 -10.20 -9.11
N THR A 171 -11.07 -9.21 -9.66
CA THR A 171 -9.88 -9.49 -10.45
C THR A 171 -8.77 -10.11 -9.61
N LEU A 172 -8.59 -9.61 -8.38
CA LEU A 172 -7.57 -10.17 -7.50
C LEU A 172 -7.80 -11.65 -7.25
N SER A 173 -9.03 -12.03 -6.88
CA SER A 173 -9.29 -13.41 -6.53
C SER A 173 -8.93 -14.37 -7.66
N VAL A 174 -8.93 -13.88 -8.90
CA VAL A 174 -8.59 -14.72 -10.05
C VAL A 174 -7.18 -15.31 -9.87
N ARG A 175 -6.17 -14.45 -9.84
CA ARG A 175 -4.80 -14.88 -9.68
C ARG A 175 -4.40 -15.03 -8.22
N ASP A 176 -5.37 -15.07 -7.31
CA ASP A 176 -5.10 -15.13 -5.88
C ASP A 176 -4.09 -14.04 -5.49
N GLY A 177 -4.35 -12.83 -5.99
CA GLY A 177 -3.47 -11.71 -5.70
C GLY A 177 -3.70 -11.13 -4.33
N TRP A 178 -2.75 -10.31 -3.90
CA TRP A 178 -2.78 -9.73 -2.57
C TRP A 178 -3.15 -8.26 -2.63
N ALA A 179 -3.64 -7.76 -1.50
CA ALA A 179 -4.05 -6.38 -1.36
C ALA A 179 -3.39 -5.82 -0.12
N LEU A 180 -2.84 -4.62 -0.26
CA LEU A 180 -2.38 -3.81 0.87
C LEU A 180 -3.30 -2.60 0.97
N ILE A 181 -4.09 -2.55 2.04
CA ILE A 181 -5.18 -1.59 2.20
C ILE A 181 -4.77 -0.68 3.34
N ILE A 182 -4.46 0.57 3.02
CA ILE A 182 -3.81 1.48 3.95
CA ILE A 182 -3.81 1.48 3.95
C ILE A 182 -4.61 2.78 4.01
N SER A 183 -4.77 3.31 5.22
CA SER A 183 -5.53 4.55 5.35
C SER A 183 -5.38 5.12 6.75
N THR A 184 -5.56 6.43 6.84
CA THR A 184 -6.02 6.97 8.12
C THR A 184 -7.53 6.70 8.22
N PRO A 185 -8.04 6.43 9.41
CA PRO A 185 -9.44 5.98 9.51
C PRO A 185 -10.42 7.12 9.29
N LYS A 186 -11.61 6.75 8.82
CA LYS A 186 -12.67 7.72 8.54
C LYS A 186 -14.00 7.20 9.10
N GLY A 187 -13.98 6.82 10.36
CA GLY A 187 -15.18 6.34 11.01
C GLY A 187 -15.38 4.85 10.82
N LEU A 188 -16.61 4.43 11.14
CA LEU A 188 -16.95 3.00 11.14
C LEU A 188 -17.59 2.65 9.80
N ASN A 189 -16.71 2.51 8.80
CA ASN A 189 -17.11 2.15 7.44
C ASN A 189 -16.42 0.86 7.03
N TRP A 190 -16.37 0.58 5.72
CA TRP A 190 -15.83 -0.70 5.28
C TRP A 190 -14.38 -0.90 5.70
N PHE A 191 -13.60 0.19 5.77
CA PHE A 191 -12.20 0.05 6.16
C PHE A 191 -12.08 -0.42 7.60
N TYR A 192 -12.96 0.06 8.47
CA TYR A 192 -13.02 -0.43 9.85
C TYR A 192 -13.32 -1.92 9.89
N GLU A 193 -14.29 -2.37 9.09
CA GLU A 193 -14.64 -3.79 9.06
C GLU A 193 -13.45 -4.62 8.64
N PHE A 194 -12.79 -4.23 7.54
CA PHE A 194 -11.65 -4.99 7.04
C PHE A 194 -10.51 -4.97 8.05
N PHE A 195 -10.30 -3.82 8.69
CA PHE A 195 -9.28 -3.76 9.75
C PHE A 195 -9.55 -4.80 10.82
N LEU A 196 -10.79 -4.86 11.31
CA LEU A 196 -11.10 -5.77 12.40
C LEU A 196 -10.91 -7.22 11.99
N MET A 197 -11.14 -7.55 10.72
CA MET A 197 -10.97 -8.93 10.25
C MET A 197 -9.55 -9.43 10.48
N GLY A 198 -8.57 -8.52 10.54
CA GLY A 198 -7.20 -8.91 10.72
C GLY A 198 -6.58 -8.44 12.03
N TRP A 199 -7.39 -7.93 12.96
CA TRP A 199 -6.83 -7.30 14.16
C TRP A 199 -6.67 -8.34 15.25
N ARG A 200 -5.43 -8.65 15.61
CA ARG A 200 -5.14 -9.62 16.67
C ARG A 200 -4.37 -8.98 17.82
N GLY A 201 -4.33 -7.65 17.90
CA GLY A 201 -3.60 -6.97 18.93
C GLY A 201 -4.36 -6.73 20.23
N GLY A 202 -5.53 -7.32 20.38
CA GLY A 202 -6.27 -7.20 21.61
C GLY A 202 -6.96 -5.86 21.80
N LEU A 203 -7.58 -5.73 22.97
CA LEU A 203 -8.31 -4.52 23.31
C LEU A 203 -7.40 -3.30 23.19
N LYS A 204 -7.88 -2.28 22.49
CA LYS A 204 -7.14 -1.03 22.37
C LYS A 204 -8.11 0.12 22.25
N GLU A 205 -7.86 1.20 23.01
CA GLU A 205 -8.67 2.39 22.90
C GLU A 205 -8.66 2.92 21.48
N GLY A 206 -9.79 3.48 21.06
CA GLY A 206 -9.95 3.97 19.71
C GLY A 206 -10.41 2.94 18.70
N ILE A 207 -10.42 1.66 19.05
CA ILE A 207 -10.86 0.59 18.15
C ILE A 207 -12.06 -0.11 18.77
N PRO A 208 -13.30 0.29 18.45
CA PRO A 208 -14.46 -0.43 18.99
C PRO A 208 -14.41 -1.90 18.64
N ASN A 209 -14.79 -2.74 19.61
CA ASN A 209 -14.87 -4.18 19.46
C ASN A 209 -13.51 -4.86 19.35
N SER A 210 -12.41 -4.13 19.53
CA SER A 210 -11.12 -4.79 19.66
C SER A 210 -11.09 -5.62 20.94
N GLY A 211 -10.39 -6.74 20.88
CA GLY A 211 -10.35 -7.68 22.00
C GLY A 211 -11.40 -8.75 21.97
N ILE A 212 -12.58 -8.45 21.45
CA ILE A 212 -13.67 -9.42 21.34
C ILE A 212 -13.99 -9.76 19.89
N ASN A 213 -13.19 -9.25 18.94
CA ASN A 213 -13.51 -9.41 17.53
C ASN A 213 -13.02 -10.75 16.99
N GLN A 214 -13.75 -11.27 16.01
N GLN A 214 -13.75 -11.27 16.01
CA GLN A 214 -13.27 -12.42 15.25
CA GLN A 214 -13.29 -12.40 15.23
C GLN A 214 -12.27 -11.95 14.20
C GLN A 214 -12.24 -11.94 14.21
N THR A 215 -11.53 -12.91 13.65
CA THR A 215 -10.56 -12.62 12.60
C THR A 215 -10.68 -13.66 11.49
N HIS A 216 -10.26 -13.27 10.29
CA HIS A 216 -10.19 -14.15 9.13
C HIS A 216 -8.74 -14.50 8.87
N PRO A 217 -8.43 -15.77 8.55
CA PRO A 217 -7.01 -16.16 8.44
C PRO A 217 -6.23 -15.42 7.36
N ASP A 218 -6.89 -14.97 6.29
CA ASP A 218 -6.16 -14.30 5.23
C ASP A 218 -5.97 -12.81 5.50
N PHE A 219 -6.38 -12.33 6.67
CA PHE A 219 -6.28 -10.91 7.01
C PHE A 219 -5.26 -10.70 8.12
N GLU A 220 -4.47 -9.65 7.98
CA GLU A 220 -3.59 -9.20 9.06
C GLU A 220 -3.63 -7.69 9.10
N SER A 221 -3.84 -7.12 10.28
CA SER A 221 -4.03 -5.69 10.43
C SER A 221 -2.95 -5.07 11.31
N PHE A 222 -2.63 -3.81 11.00
CA PHE A 222 -1.57 -3.06 11.67
C PHE A 222 -2.13 -1.72 12.09
N HIS A 223 -1.74 -1.26 13.27
CA HIS A 223 -2.25 -0.02 13.85
C HIS A 223 -1.11 0.77 14.46
N ALA A 224 -1.09 2.07 14.22
CA ALA A 224 -0.10 2.93 14.84
C ALA A 224 -0.54 4.38 14.73
N ALA A 225 -0.51 5.08 15.86
CA ALA A 225 -0.64 6.53 15.83
C ALA A 225 0.64 7.14 15.28
N SER A 226 0.54 8.40 14.84
CA SER A 226 1.72 9.10 14.36
C SER A 226 2.82 9.07 15.41
N TRP A 227 2.45 9.21 16.68
CA TRP A 227 3.45 9.25 17.75
C TRP A 227 3.94 7.88 18.15
N ASP A 228 3.29 6.80 17.71
CA ASP A 228 3.89 5.47 17.84
C ASP A 228 5.11 5.34 16.95
N VAL A 229 5.08 5.95 15.76
CA VAL A 229 6.22 5.92 14.86
C VAL A 229 7.20 7.05 15.18
N TRP A 230 6.70 8.20 15.61
CA TRP A 230 7.52 9.37 15.92
C TRP A 230 7.27 9.74 17.38
N PRO A 231 7.84 9.00 18.33
CA PRO A 231 7.62 9.33 19.75
C PRO A 231 8.13 10.72 20.13
N GLU A 232 9.18 11.19 19.48
CA GLU A 232 9.72 12.51 19.82
C GLU A 232 8.80 13.64 19.36
N ARG A 233 7.81 13.35 18.53
CA ARG A 233 6.83 14.32 18.07
C ARG A 233 5.54 14.28 18.86
N ARG A 234 5.43 13.37 19.84
CA ARG A 234 4.17 13.20 20.54
C ARG A 234 3.69 14.53 21.13
N GLU A 235 4.59 15.25 21.81
CA GLU A 235 4.15 16.49 22.46
C GLU A 235 3.69 17.51 21.42
N TRP A 236 4.39 17.61 20.29
CA TRP A 236 3.94 18.52 19.24
C TRP A 236 2.54 18.15 18.75
N TYR A 237 2.31 16.85 18.49
CA TYR A 237 0.96 16.41 18.10
C TYR A 237 -0.07 16.82 19.13
N MET A 238 0.21 16.55 20.41
CA MET A 238 -0.76 16.87 21.46
C MET A 238 -1.03 18.37 21.52
N GLU A 239 0.00 19.18 21.31
CA GLU A 239 -0.17 20.63 21.44
C GLU A 239 -0.91 21.23 20.26
N ARG A 240 -1.03 20.50 19.15
CA ARG A 240 -1.87 20.95 18.04
C ARG A 240 -3.36 20.89 18.38
N ARG A 241 -3.76 20.15 19.41
CA ARG A 241 -5.17 20.08 19.73
C ARG A 241 -5.75 21.44 20.10
N LEU A 242 -4.91 22.45 20.34
CA LEU A 242 -5.41 23.80 20.58
C LEU A 242 -6.20 24.33 19.39
N TYR A 243 -5.81 23.96 18.17
CA TYR A 243 -6.42 24.53 16.99
C TYR A 243 -6.91 23.49 15.99
N ILE A 244 -6.83 22.21 16.31
CA ILE A 244 -7.32 21.13 15.46
C ILE A 244 -8.53 20.51 16.14
N PRO A 245 -9.66 20.33 15.43
CA PRO A 245 -10.82 19.69 16.06
C PRO A 245 -10.44 18.34 16.65
N ASP A 246 -11.13 17.97 17.73
CA ASP A 246 -10.79 16.73 18.42
C ASP A 246 -10.91 15.52 17.51
N LEU A 247 -11.96 15.46 16.68
CA LEU A 247 -12.14 14.29 15.82
C LEU A 247 -11.01 14.18 14.82
N GLU A 248 -10.65 15.29 14.17
CA GLU A 248 -9.56 15.27 13.21
C GLU A 248 -8.28 14.77 13.88
N PHE A 249 -8.01 15.23 15.11
CA PHE A 249 -6.80 14.82 15.80
C PHE A 249 -6.81 13.31 16.09
N ARG A 250 -7.92 12.82 16.66
CA ARG A 250 -7.99 11.41 17.01
C ARG A 250 -7.87 10.52 15.77
N GLN A 251 -8.37 10.97 14.62
CA GLN A 251 -8.30 10.15 13.41
C GLN A 251 -6.96 10.26 12.72
N GLU A 252 -6.52 11.49 12.42
CA GLU A 252 -5.36 11.66 11.56
C GLU A 252 -4.07 11.31 12.27
N TYR A 253 -3.99 11.56 13.57
CA TYR A 253 -2.81 11.24 14.37
C TYR A 253 -3.02 10.07 15.29
N GLY A 254 -4.16 10.00 15.99
CA GLY A 254 -4.44 8.85 16.83
C GLY A 254 -4.75 7.59 16.05
N ALA A 255 -5.14 7.72 14.79
CA ALA A 255 -5.58 6.58 13.99
C ALA A 255 -6.76 5.88 14.67
N GLU A 256 -7.64 6.67 15.30
CA GLU A 256 -8.77 6.14 16.04
C GLU A 256 -9.98 6.00 15.13
N PHE A 257 -10.72 4.91 15.36
CA PHE A 257 -12.01 4.69 14.71
C PHE A 257 -13.08 5.29 15.60
N VAL A 258 -13.71 6.37 15.13
CA VAL A 258 -14.68 7.12 15.92
C VAL A 258 -16.02 7.13 15.17
N SER A 259 -17.10 6.86 15.90
CA SER A 259 -18.45 6.93 15.33
C SER A 259 -18.81 8.38 15.08
N HIS A 260 -18.83 8.80 13.82
CA HIS A 260 -19.13 10.19 13.46
C HIS A 260 -20.52 10.58 13.97
#